data_4C12
#
_entry.id   4C12
#
_cell.length_a   158.540
_cell.length_b   54.290
_cell.length_c   71.190
_cell.angle_alpha   90.00
_cell.angle_beta   91.60
_cell.angle_gamma   90.00
#
_symmetry.space_group_name_H-M   'C 1 2 1'
#
loop_
_entity.id
_entity.type
_entity.pdbx_description
1 polymer 'UDP-N-ACETYLMURAMOYL-L-ALANYL-D-GLUTAMATE--L-LYSINE LIGASE'
2 non-polymer GLYCEROL
3 non-polymer "Uridine 5'Diphospho N-acetyl muramoyl-L-Alanyl-D-Glutamyl-L-Lysine"
4 non-polymer "ADENOSINE-5'-DIPHOSPHATE"
5 non-polymer 'MAGNESIUM ION'
6 water water
#
_entity_poly.entity_id   1
_entity_poly.type   'polypeptide(L)'
_entity_poly.pdbx_seq_one_letter_code
;MDASTLFKKVKVKRVLGSLEQQIDDITTDSRTAREGSIFVASVGYTVDSHKFCQNVADQGCKLVVVNKEQSLPANVTQVV
VPDTLRVASILAHTLYDYPSHQLVTFGVTGTNGKTSIATMIHLIQRKLQKNSAYLGTNGFQINETKTKGANTTPETVSLT
KKIKEAVDAGAESMTLEVSSHGLVLGRLRGVEFDVAIFSNLTQDHLDFHGTMEAYGHA(KCX)SLLFSQLGEDLSKEKYV
VLNNDDSFSEYLRTVTPYEVFSYGIDEEAQFMAKNIQESLQGVSFDFVTPFGTYPVKSPYVGKFNISNIMAAMIAVWSKG
TSLETIIKAVENLEPVEGRLEVLDPSLPIDLIIDYAHTADGMNKLIDAVQPFVKQKLIFLVGMAGERDLTKTPEMGRVAC
RADYVIFTPDNPANDDPKMLTAELAKGATHQNYIEFDDRAEGIKHAIDIAEPGDTVVLASKGREPYQIMPGHIKVPHRDD
LIGLEAAYKKFGGGPVDRSHHHHHH
;
_entity_poly.pdbx_strand_id   A
#
# COMPACT_ATOMS: atom_id res chain seq x y z
N MET A 1 -27.67 -15.42 8.20
CA MET A 1 -28.67 -15.75 7.16
C MET A 1 -28.45 -17.20 6.66
N ASP A 2 -29.33 -17.72 5.86
CA ASP A 2 -29.18 -19.15 5.63
C ASP A 2 -28.46 -19.51 4.33
N ALA A 3 -27.82 -20.68 4.32
CA ALA A 3 -26.95 -21.03 3.19
C ALA A 3 -27.73 -21.06 1.88
N SER A 4 -29.01 -21.43 1.94
CA SER A 4 -29.88 -21.46 0.75
C SER A 4 -29.90 -20.16 0.02
N THR A 5 -30.22 -19.10 0.75
CA THR A 5 -30.21 -17.73 0.23
C THR A 5 -28.87 -17.35 -0.37
N LEU A 6 -27.78 -17.64 0.35
CA LEU A 6 -26.47 -17.29 -0.16
C LEU A 6 -26.21 -17.99 -1.50
N PHE A 7 -26.53 -19.27 -1.59
CA PHE A 7 -26.12 -20.01 -2.80
C PHE A 7 -27.08 -19.87 -3.99
N LYS A 8 -28.21 -19.22 -3.78
CA LYS A 8 -29.05 -18.81 -4.90
C LYS A 8 -28.23 -17.89 -5.84
N LYS A 9 -27.22 -17.22 -5.29
CA LYS A 9 -26.38 -16.31 -6.09
C LYS A 9 -25.44 -17.06 -7.04
N VAL A 10 -25.35 -18.38 -6.93
CA VAL A 10 -24.32 -19.15 -7.66
C VAL A 10 -25.07 -20.11 -8.60
N LYS A 11 -24.97 -19.90 -9.91
CA LYS A 11 -25.78 -20.66 -10.87
C LYS A 11 -25.22 -22.06 -11.14
N VAL A 12 -23.90 -22.20 -11.18
CA VAL A 12 -23.30 -23.51 -11.47
C VAL A 12 -22.71 -24.04 -10.17
N LYS A 13 -23.37 -25.07 -9.62
CA LYS A 13 -22.88 -25.69 -8.39
C LYS A 13 -23.47 -27.09 -8.28
N ARG A 14 -22.69 -28.00 -7.67
CA ARG A 14 -23.19 -29.33 -7.33
C ARG A 14 -23.19 -29.36 -5.80
N VAL A 15 -24.38 -29.48 -5.24
CA VAL A 15 -24.59 -29.41 -3.78
C VAL A 15 -24.76 -30.83 -3.21
N LEU A 16 -23.92 -31.18 -2.24
CA LEU A 16 -24.01 -32.46 -1.55
C LEU A 16 -24.35 -32.18 -0.11
N GLY A 17 -25.62 -32.39 0.24
CA GLY A 17 -26.16 -32.13 1.58
C GLY A 17 -27.08 -30.91 1.64
N SER A 18 -27.61 -30.63 2.82
CA SER A 18 -28.62 -29.58 3.02
C SER A 18 -28.01 -28.16 3.01
N LEU A 19 -28.78 -27.20 2.51
CA LEU A 19 -28.41 -25.78 2.63
C LEU A 19 -29.28 -25.02 3.66
N GLU A 20 -29.99 -25.75 4.50
CA GLU A 20 -30.89 -25.13 5.50
C GLU A 20 -30.19 -24.36 6.63
N GLN A 21 -28.89 -24.55 6.78
CA GLN A 21 -28.18 -24.11 7.97
C GLN A 21 -27.91 -22.60 7.95
N GLN A 22 -27.74 -22.01 9.14
CA GLN A 22 -27.47 -20.58 9.27
C GLN A 22 -25.99 -20.35 9.05
N ILE A 23 -25.66 -19.26 8.37
CA ILE A 23 -24.28 -18.91 8.09
C ILE A 23 -24.05 -17.50 8.59
N ASP A 24 -23.03 -17.32 9.44
CA ASP A 24 -22.67 -15.98 9.86
C ASP A 24 -21.23 -15.62 9.54
N ASP A 25 -20.51 -16.49 8.85
CA ASP A 25 -19.07 -16.31 8.64
C ASP A 25 -18.64 -16.97 7.34
N ILE A 26 -17.66 -16.37 6.69
CA ILE A 26 -16.96 -17.04 5.60
C ILE A 26 -15.45 -16.89 5.81
N THR A 27 -14.70 -17.87 5.33
CA THR A 27 -13.23 -17.83 5.47
C THR A 27 -12.57 -18.65 4.37
N THR A 28 -11.45 -18.16 3.86
CA THR A 28 -10.57 -18.94 3.00
C THR A 28 -9.39 -19.52 3.83
N ASP A 29 -9.44 -19.35 5.14
CA ASP A 29 -8.43 -19.89 6.02
C ASP A 29 -9.10 -20.90 6.94
N SER A 30 -8.75 -22.17 6.76
CA SER A 30 -9.33 -23.25 7.52
C SER A 30 -9.21 -23.06 9.05
N ARG A 31 -8.13 -22.40 9.48
CA ARG A 31 -7.87 -22.24 10.89
C ARG A 31 -8.94 -21.43 11.63
N THR A 32 -9.82 -20.73 10.91
CA THR A 32 -10.87 -19.93 11.55
C THR A 32 -12.29 -20.38 11.23
N ALA A 33 -12.41 -21.50 10.53
CA ALA A 33 -13.73 -22.05 10.21
C ALA A 33 -14.35 -22.70 11.44
N ARG A 34 -15.66 -22.45 11.64
CA ARG A 34 -16.34 -22.96 12.85
C ARG A 34 -17.77 -23.28 12.43
N GLU A 35 -18.60 -23.72 13.38
CA GLU A 35 -20.02 -23.85 13.09
C GLU A 35 -20.59 -22.49 12.68
N GLY A 36 -21.29 -22.49 11.55
CA GLY A 36 -21.80 -21.26 11.00
C GLY A 36 -20.87 -20.61 9.99
N SER A 37 -19.63 -21.11 9.84
CA SER A 37 -18.74 -20.64 8.76
C SER A 37 -18.96 -21.43 7.45
N ILE A 38 -18.75 -20.75 6.32
CA ILE A 38 -18.43 -21.41 5.05
C ILE A 38 -16.94 -21.36 4.90
N PHE A 39 -16.32 -22.52 4.72
CA PHE A 39 -14.90 -22.60 4.37
C PHE A 39 -14.76 -22.78 2.86
N VAL A 40 -14.08 -21.84 2.20
CA VAL A 40 -13.82 -21.96 0.76
C VAL A 40 -12.36 -22.42 0.60
N ALA A 41 -12.18 -23.60 0.03
CA ALA A 41 -10.86 -24.12 -0.25
C ALA A 41 -10.30 -23.55 -1.54
N SER A 42 -8.98 -23.51 -1.67
CA SER A 42 -8.34 -22.91 -2.86
C SER A 42 -6.93 -23.44 -3.02
N VAL A 43 -6.32 -23.14 -4.16
CA VAL A 43 -4.96 -23.56 -4.41
C VAL A 43 -4.08 -22.33 -4.30
N GLY A 44 -3.21 -22.34 -3.29
CA GLY A 44 -2.31 -21.21 -3.04
C GLY A 44 -0.97 -21.47 -3.67
N TYR A 45 -0.05 -20.53 -3.51
CA TYR A 45 1.34 -20.77 -3.89
C TYR A 45 2.05 -21.78 -3.00
N THR A 46 1.52 -22.03 -1.81
CA THR A 46 2.23 -22.90 -0.86
C THR A 46 1.50 -24.20 -0.64
N VAL A 47 0.20 -24.10 -0.38
CA VAL A 47 -0.63 -25.28 -0.11
C VAL A 47 -1.96 -25.22 -0.85
N ASP A 48 -2.52 -26.40 -1.08
CA ASP A 48 -3.89 -26.54 -1.54
C ASP A 48 -4.74 -26.79 -0.28
N SER A 49 -5.54 -25.81 0.10
CA SER A 49 -6.32 -25.88 1.34
C SER A 49 -7.52 -26.85 1.31
N HIS A 50 -7.78 -27.46 0.15
CA HIS A 50 -8.71 -28.57 0.10
C HIS A 50 -8.27 -29.65 1.10
N LYS A 51 -6.96 -29.80 1.32
CA LYS A 51 -6.41 -30.76 2.31
C LYS A 51 -6.93 -30.57 3.75
N PHE A 52 -7.42 -29.37 4.06
CA PHE A 52 -7.86 -29.02 5.40
C PHE A 52 -9.37 -29.14 5.68
N CYS A 53 -10.17 -29.61 4.73
CA CYS A 53 -11.63 -29.75 4.97
C CYS A 53 -11.96 -30.60 6.21
N GLN A 54 -11.24 -31.69 6.44
CA GLN A 54 -11.51 -32.49 7.65
C GLN A 54 -11.28 -31.69 8.94
N ASN A 55 -10.25 -30.84 8.93
CA ASN A 55 -9.98 -29.98 10.06
C ASN A 55 -11.21 -29.10 10.32
N VAL A 56 -11.75 -28.48 9.28
CA VAL A 56 -12.87 -27.55 9.51
C VAL A 56 -14.10 -28.30 10.02
N ALA A 57 -14.32 -29.49 9.49
CA ALA A 57 -15.38 -30.36 10.03
C ALA A 57 -15.17 -30.67 11.50
N ASP A 58 -13.94 -31.00 11.90
CA ASP A 58 -13.62 -31.25 13.32
C ASP A 58 -13.97 -30.02 14.16
N GLN A 59 -13.77 -28.83 13.57
CA GLN A 59 -13.99 -27.58 14.28
C GLN A 59 -15.46 -27.15 14.21
N GLY A 60 -16.30 -27.98 13.60
CA GLY A 60 -17.74 -27.73 13.59
C GLY A 60 -18.33 -27.09 12.35
N CYS A 61 -17.47 -26.71 11.41
CA CYS A 61 -17.93 -26.20 10.13
C CYS A 61 -18.72 -27.28 9.39
N LYS A 62 -19.87 -26.90 8.86
CA LYS A 62 -20.74 -27.83 8.16
C LYS A 62 -20.97 -27.47 6.69
N LEU A 63 -20.17 -26.56 6.18
CA LEU A 63 -20.29 -26.17 4.78
C LEU A 63 -18.96 -25.75 4.19
N VAL A 64 -18.57 -26.48 3.14
CA VAL A 64 -17.35 -26.19 2.41
C VAL A 64 -17.64 -25.95 0.94
N VAL A 65 -16.92 -25.00 0.36
CA VAL A 65 -16.98 -24.73 -1.06
C VAL A 65 -15.64 -25.22 -1.61
N VAL A 66 -15.72 -26.07 -2.65
CA VAL A 66 -14.58 -26.83 -3.14
C VAL A 66 -14.64 -26.92 -4.67
N ASN A 67 -13.48 -27.19 -5.28
CA ASN A 67 -13.40 -27.38 -6.74
C ASN A 67 -13.61 -28.82 -7.15
N LYS A 68 -13.60 -29.72 -6.17
CA LYS A 68 -13.77 -31.17 -6.38
C LYS A 68 -14.32 -31.76 -5.09
N GLU A 69 -15.25 -32.71 -5.24
CA GLU A 69 -15.82 -33.42 -4.11
C GLU A 69 -14.73 -33.98 -3.20
N GLN A 70 -14.87 -33.75 -1.91
CA GLN A 70 -13.86 -34.17 -0.91
C GLN A 70 -14.33 -35.34 -0.07
N SER A 71 -13.36 -35.98 0.59
CA SER A 71 -13.66 -37.02 1.55
C SER A 71 -14.02 -36.40 2.88
N LEU A 72 -15.30 -36.46 3.25
CA LEU A 72 -15.80 -35.81 4.47
C LEU A 72 -16.98 -36.57 5.00
N PRO A 73 -17.29 -36.39 6.31
CA PRO A 73 -18.50 -36.99 6.85
C PRO A 73 -19.74 -36.48 6.14
N ALA A 74 -20.80 -37.28 6.12
CA ALA A 74 -21.98 -36.97 5.33
C ALA A 74 -22.67 -35.71 5.83
N ASN A 75 -22.54 -35.39 7.12
CA ASN A 75 -23.20 -34.20 7.67
C ASN A 75 -22.55 -32.84 7.33
N VAL A 76 -21.45 -32.87 6.56
CA VAL A 76 -20.85 -31.63 6.08
C VAL A 76 -21.39 -31.41 4.67
N THR A 77 -21.98 -30.25 4.43
CA THR A 77 -22.44 -29.94 3.08
C THR A 77 -21.26 -29.50 2.24
N GLN A 78 -21.21 -30.00 1.00
CA GLN A 78 -20.22 -29.56 0.05
C GLN A 78 -20.94 -28.92 -1.12
N VAL A 79 -20.40 -27.76 -1.53
CA VAL A 79 -20.81 -27.10 -2.75
C VAL A 79 -19.62 -27.10 -3.71
N VAL A 80 -19.75 -27.87 -4.78
CA VAL A 80 -18.67 -28.03 -5.76
C VAL A 80 -18.86 -27.01 -6.87
N VAL A 81 -17.85 -26.17 -7.07
CA VAL A 81 -17.95 -25.10 -8.06
C VAL A 81 -16.67 -25.05 -8.92
N PRO A 82 -16.77 -24.44 -10.12
CA PRO A 82 -15.59 -24.39 -10.98
C PRO A 82 -14.50 -23.45 -10.46
N ASP A 83 -14.90 -22.41 -9.74
CA ASP A 83 -13.96 -21.34 -9.41
C ASP A 83 -14.28 -20.94 -7.98
N THR A 84 -13.54 -21.54 -7.06
CA THR A 84 -13.85 -21.37 -5.65
C THR A 84 -13.63 -19.94 -5.19
N LEU A 85 -12.52 -19.31 -5.55
CA LEU A 85 -12.28 -17.96 -5.03
C LEU A 85 -13.25 -16.94 -5.61
N ARG A 86 -13.67 -17.13 -6.85
CA ARG A 86 -14.66 -16.21 -7.47
C ARG A 86 -15.99 -16.30 -6.67
N VAL A 87 -16.36 -17.51 -6.28
CA VAL A 87 -17.53 -17.76 -5.42
C VAL A 87 -17.29 -17.21 -3.99
N ALA A 88 -16.09 -17.37 -3.45
CA ALA A 88 -15.82 -16.76 -2.12
C ALA A 88 -16.16 -15.25 -2.13
N SER A 89 -15.83 -14.52 -3.21
CA SER A 89 -16.05 -13.04 -3.21
C SER A 89 -17.55 -12.74 -3.30
N ILE A 90 -18.23 -13.49 -4.17
CA ILE A 90 -19.69 -13.42 -4.24
C ILE A 90 -20.38 -13.70 -2.88
N LEU A 91 -20.00 -14.79 -2.23
CA LEU A 91 -20.58 -15.15 -0.95
C LEU A 91 -20.29 -14.09 0.09
N ALA A 92 -19.05 -13.65 0.15
CA ALA A 92 -18.63 -12.70 1.20
C ALA A 92 -19.37 -11.37 1.07
N HIS A 93 -19.38 -10.79 -0.13
CA HIS A 93 -20.10 -9.50 -0.31
C HIS A 93 -21.61 -9.61 -0.07
N THR A 94 -22.18 -10.74 -0.46
CA THR A 94 -23.58 -10.99 -0.16
C THR A 94 -23.85 -11.11 1.34
N LEU A 95 -23.08 -11.96 2.02
CA LEU A 95 -23.23 -12.21 3.46
C LEU A 95 -23.11 -10.92 4.26
N TYR A 96 -22.18 -10.06 3.87
CA TYR A 96 -21.93 -8.84 4.63
C TYR A 96 -22.69 -7.64 4.07
N ASP A 97 -23.69 -7.94 3.24
CA ASP A 97 -24.60 -6.90 2.71
C ASP A 97 -23.88 -5.79 1.95
N TYR A 98 -22.95 -6.20 1.08
CA TYR A 98 -22.31 -5.31 0.09
C TYR A 98 -21.70 -4.09 0.76
N PRO A 99 -20.71 -4.33 1.63
CA PRO A 99 -20.21 -3.24 2.48
C PRO A 99 -19.62 -2.10 1.68
N SER A 100 -19.07 -2.39 0.48
CA SER A 100 -18.44 -1.35 -0.29
C SER A 100 -19.45 -0.38 -0.89
N HIS A 101 -20.72 -0.80 -0.97
CA HIS A 101 -21.80 0.03 -1.50
C HIS A 101 -22.29 0.96 -0.37
N GLN A 102 -21.86 0.71 0.86
CA GLN A 102 -22.48 1.39 2.04
C GLN A 102 -21.70 2.64 2.53
N LEU A 103 -20.54 2.91 1.93
CA LEU A 103 -19.77 4.12 2.22
C LEU A 103 -19.00 4.56 0.99
N VAL A 104 -18.44 5.75 1.05
CA VAL A 104 -17.69 6.27 -0.06
C VAL A 104 -16.37 5.52 -0.07
N THR A 105 -16.01 4.94 -1.22
CA THR A 105 -14.74 4.22 -1.26
C THR A 105 -13.78 4.82 -2.27
N PHE A 106 -12.55 5.07 -1.79
CA PHE A 106 -11.49 5.67 -2.59
C PHE A 106 -10.48 4.57 -2.82
N GLY A 107 -10.02 4.45 -4.08
CA GLY A 107 -8.98 3.47 -4.39
C GLY A 107 -7.80 4.13 -5.06
N VAL A 108 -6.61 3.78 -4.58
CA VAL A 108 -5.38 4.37 -5.12
C VAL A 108 -4.45 3.30 -5.67
N THR A 109 -4.01 3.48 -6.92
CA THR A 109 -3.01 2.58 -7.48
C THR A 109 -1.89 3.35 -8.20
N GLY A 110 -0.75 2.70 -8.35
CA GLY A 110 0.40 3.37 -8.93
C GLY A 110 1.61 2.66 -8.41
N THR A 111 2.75 2.82 -9.08
CA THR A 111 3.95 2.12 -8.64
C THR A 111 4.46 2.61 -7.26
N ASN A 112 4.53 3.93 -7.10
CA ASN A 112 4.86 4.54 -5.81
C ASN A 112 3.83 5.62 -5.50
N GLY A 113 3.54 5.81 -4.22
CA GLY A 113 2.59 6.84 -3.79
C GLY A 113 1.27 6.34 -3.25
N LYS A 114 1.02 5.01 -3.30
CA LYS A 114 -0.29 4.44 -2.85
C LYS A 114 -0.50 4.68 -1.35
N THR A 115 0.48 4.32 -0.54
CA THR A 115 0.37 4.58 0.91
C THR A 115 0.27 6.06 1.24
N SER A 116 1.10 6.86 0.56
CA SER A 116 1.13 8.32 0.77
C SER A 116 -0.23 8.92 0.49
N ILE A 117 -0.72 8.71 -0.72
CA ILE A 117 -2.05 9.28 -1.10
C ILE A 117 -3.18 8.73 -0.25
N ALA A 118 -3.24 7.40 -0.10
CA ALA A 118 -4.31 6.82 0.68
C ALA A 118 -4.33 7.34 2.11
N THR A 119 -3.16 7.45 2.72
CA THR A 119 -3.08 7.97 4.07
C THR A 119 -3.48 9.44 4.09
N MET A 120 -3.04 10.23 3.11
CA MET A 120 -3.40 11.66 3.09
C MET A 120 -4.93 11.84 3.00
N ILE A 121 -5.58 11.01 2.17
CA ILE A 121 -7.05 11.09 2.10
C ILE A 121 -7.69 10.81 3.43
N HIS A 122 -7.28 9.69 4.04
CA HIS A 122 -7.74 9.33 5.41
C HIS A 122 -7.56 10.47 6.41
N LEU A 123 -6.36 11.02 6.46
CA LEU A 123 -6.03 12.09 7.40
C LEU A 123 -6.84 13.36 7.16
N ILE A 124 -7.08 13.68 5.89
CA ILE A 124 -7.96 14.83 5.55
C ILE A 124 -9.39 14.62 6.10
N GLN A 125 -9.92 13.42 5.89
CA GLN A 125 -11.30 13.10 6.32
C GLN A 125 -11.36 13.25 7.82
N ARG A 126 -10.34 12.77 8.54
CA ARG A 126 -10.32 12.90 9.99
C ARG A 126 -10.21 14.34 10.42
N LYS A 127 -9.42 15.12 9.69
CA LYS A 127 -9.32 16.56 10.00
C LYS A 127 -10.67 17.24 9.82
N LEU A 128 -11.47 16.76 8.87
CA LEU A 128 -12.81 17.29 8.63
C LEU A 128 -13.83 16.73 9.63
N GLN A 129 -13.35 15.98 10.61
CA GLN A 129 -14.19 15.36 11.64
C GLN A 129 -15.13 14.31 11.09
N LYS A 130 -14.69 13.59 10.05
CA LYS A 130 -15.49 12.51 9.49
C LYS A 130 -14.84 11.18 9.87
N ASN A 131 -15.68 10.18 10.14
CA ASN A 131 -15.20 8.83 10.42
C ASN A 131 -14.69 8.31 9.10
N SER A 132 -13.51 7.70 9.14
CA SER A 132 -12.76 7.29 7.93
C SER A 132 -11.97 6.06 8.29
N ALA A 133 -11.81 5.17 7.30
CA ALA A 133 -10.99 3.98 7.44
C ALA A 133 -9.97 3.94 6.31
N TYR A 134 -8.88 3.22 6.55
CA TYR A 134 -7.78 3.10 5.61
C TYR A 134 -7.33 1.63 5.61
N LEU A 135 -7.03 1.08 4.44
CA LEU A 135 -6.48 -0.26 4.36
C LEU A 135 -5.33 -0.24 3.36
N GLY A 136 -4.18 -0.73 3.77
CA GLY A 136 -3.01 -0.71 2.85
C GLY A 136 -1.78 -1.28 3.53
N THR A 137 -0.62 -0.91 3.01
CA THR A 137 0.64 -1.45 3.50
C THR A 137 0.82 -1.21 5.00
N ASN A 138 0.38 -0.06 5.51
CA ASN A 138 0.52 0.25 6.95
C ASN A 138 -0.55 -0.42 7.79
N GLY A 139 -1.35 -1.30 7.18
CA GLY A 139 -2.32 -2.14 7.89
C GLY A 139 -3.78 -1.68 7.67
N PHE A 140 -4.61 -1.91 8.68
CA PHE A 140 -6.03 -1.50 8.66
C PHE A 140 -6.27 -0.49 9.78
N GLN A 141 -6.90 0.62 9.46
CA GLN A 141 -7.07 1.69 10.44
C GLN A 141 -8.49 2.16 10.40
N ILE A 142 -9.14 2.23 11.56
CA ILE A 142 -10.47 2.85 11.61
C ILE A 142 -10.27 4.06 12.54
N ASN A 143 -10.49 5.26 12.00
CA ASN A 143 -10.14 6.50 12.70
C ASN A 143 -8.68 6.43 13.21
N GLU A 144 -8.48 6.35 14.54
CA GLU A 144 -7.10 6.35 15.08
C GLU A 144 -6.61 4.97 15.52
N THR A 145 -7.45 3.97 15.33
CA THR A 145 -7.16 2.60 15.79
C THR A 145 -6.53 1.78 14.65
N LYS A 146 -5.33 1.25 14.89
CA LYS A 146 -4.52 0.62 13.83
C LYS A 146 -4.22 -0.83 14.19
N THR A 147 -4.24 -1.70 13.18
CA THR A 147 -3.81 -3.09 13.35
C THR A 147 -2.97 -3.40 12.12
N LYS A 148 -1.91 -4.18 12.26
CA LYS A 148 -1.02 -4.47 11.13
C LYS A 148 -1.51 -5.68 10.34
N GLY A 149 -1.14 -5.79 9.07
CA GLY A 149 -1.57 -6.91 8.23
C GLY A 149 -0.46 -7.43 7.34
N ALA A 150 -0.72 -8.54 6.65
CA ALA A 150 0.29 -9.25 5.86
C ALA A 150 0.44 -8.70 4.43
N ASN A 151 -0.57 -7.99 3.94
CA ASN A 151 -0.52 -7.50 2.55
C ASN A 151 -0.89 -6.04 2.42
N THR A 152 -0.56 -5.45 1.29
CA THR A 152 -1.09 -4.12 0.92
C THR A 152 -2.56 -4.25 0.58
N THR A 153 -2.87 -5.24 -0.28
CA THR A 153 -4.26 -5.55 -0.61
C THR A 153 -4.47 -7.01 -0.17
N PRO A 154 -5.17 -7.22 0.96
CA PRO A 154 -5.33 -8.61 1.51
C PRO A 154 -6.27 -9.43 0.67
N GLU A 155 -6.25 -10.76 0.87
CA GLU A 155 -7.13 -11.66 0.11
C GLU A 155 -8.61 -11.29 0.33
N THR A 156 -9.43 -11.68 -0.65
CA THR A 156 -10.80 -11.19 -0.77
C THR A 156 -11.63 -11.27 0.50
N VAL A 157 -11.64 -12.42 1.18
CA VAL A 157 -12.50 -12.51 2.39
C VAL A 157 -12.08 -11.58 3.51
N SER A 158 -10.79 -11.63 3.86
CA SER A 158 -10.27 -10.70 4.85
C SER A 158 -10.54 -9.25 4.46
N LEU A 159 -10.33 -8.91 3.19
CA LEU A 159 -10.54 -7.55 2.76
C LEU A 159 -12.01 -7.14 2.90
N THR A 160 -12.93 -8.01 2.49
CA THR A 160 -14.34 -7.71 2.54
C THR A 160 -14.80 -7.52 3.99
N LYS A 161 -14.29 -8.37 4.86
CA LYS A 161 -14.58 -8.30 6.30
C LYS A 161 -14.15 -6.97 6.89
N LYS A 162 -13.00 -6.49 6.45
CA LYS A 162 -12.49 -5.19 6.93
C LYS A 162 -13.33 -4.03 6.43
N ILE A 163 -13.80 -4.08 5.17
CA ILE A 163 -14.76 -3.06 4.72
C ILE A 163 -16.01 -3.10 5.58
N LYS A 164 -16.49 -4.31 5.86
CA LYS A 164 -17.65 -4.48 6.73
C LYS A 164 -17.38 -3.93 8.14
N GLU A 165 -16.18 -4.16 8.67
CA GLU A 165 -15.82 -3.57 9.96
C GLU A 165 -15.90 -2.03 9.92
N ALA A 166 -15.40 -1.44 8.84
CA ALA A 166 -15.45 0.02 8.70
C ALA A 166 -16.90 0.52 8.66
N VAL A 167 -17.74 -0.17 7.91
CA VAL A 167 -19.17 0.19 7.84
C VAL A 167 -19.80 0.14 9.24
N ASP A 168 -19.59 -0.96 9.95
CA ASP A 168 -20.15 -1.20 11.29
C ASP A 168 -19.61 -0.21 12.32
N ALA A 169 -18.36 0.22 12.15
CA ALA A 169 -17.79 1.24 13.06
C ALA A 169 -18.34 2.65 12.77
N GLY A 170 -19.14 2.76 11.72
CA GLY A 170 -19.71 4.03 11.28
C GLY A 170 -18.83 4.88 10.37
N ALA A 171 -17.88 4.29 9.65
CA ALA A 171 -17.07 5.07 8.69
C ALA A 171 -17.93 5.71 7.59
N GLU A 172 -17.64 6.96 7.26
CA GLU A 172 -18.34 7.63 6.15
C GLU A 172 -17.66 7.35 4.82
N SER A 173 -16.38 7.01 4.89
CA SER A 173 -15.61 6.65 3.71
C SER A 173 -14.46 5.72 4.11
N MET A 174 -13.90 5.02 3.14
CA MET A 174 -12.73 4.18 3.39
C MET A 174 -11.86 4.30 2.14
N THR A 175 -10.54 4.34 2.36
CA THR A 175 -9.57 4.47 1.30
C THR A 175 -8.74 3.20 1.31
N LEU A 176 -8.62 2.56 0.15
CA LEU A 176 -7.84 1.33 0.00
C LEU A 176 -6.70 1.53 -0.96
N GLU A 177 -5.52 1.03 -0.57
CA GLU A 177 -4.47 0.92 -1.55
C GLU A 177 -4.81 -0.27 -2.44
N VAL A 178 -4.56 -0.11 -3.73
CA VAL A 178 -4.99 -1.12 -4.69
C VAL A 178 -3.73 -1.59 -5.40
N SER A 179 -3.20 -2.73 -4.97
CA SER A 179 -1.99 -3.26 -5.59
C SER A 179 -2.31 -3.93 -6.92
N SER A 180 -1.36 -3.87 -7.87
CA SER A 180 -1.59 -4.56 -9.15
C SER A 180 -1.73 -6.08 -8.95
N HIS A 181 -1.05 -6.63 -7.95
CA HIS A 181 -1.25 -8.03 -7.56
C HIS A 181 -2.70 -8.27 -7.19
N GLY A 182 -3.20 -7.43 -6.26
CA GLY A 182 -4.58 -7.55 -5.76
C GLY A 182 -5.57 -7.54 -6.92
N LEU A 183 -5.42 -6.62 -7.87
CA LEU A 183 -6.34 -6.53 -8.98
C LEU A 183 -6.35 -7.85 -9.79
N VAL A 184 -5.17 -8.27 -10.22
CA VAL A 184 -5.04 -9.46 -11.08
C VAL A 184 -5.52 -10.72 -10.38
N LEU A 185 -5.19 -10.85 -9.09
CA LEU A 185 -5.50 -12.08 -8.34
C LEU A 185 -6.92 -12.17 -7.85
N GLY A 186 -7.71 -11.11 -8.10
CA GLY A 186 -9.12 -11.14 -7.70
C GLY A 186 -9.39 -10.74 -6.26
N ARG A 187 -8.36 -10.25 -5.56
CA ARG A 187 -8.54 -9.88 -4.13
C ARG A 187 -9.60 -8.81 -3.95
N LEU A 188 -9.80 -7.96 -4.98
CA LEU A 188 -10.77 -6.87 -4.90
C LEU A 188 -12.08 -7.16 -5.63
N ARG A 189 -12.34 -8.44 -5.95
CA ARG A 189 -13.64 -8.74 -6.59
C ARG A 189 -14.78 -8.35 -5.65
N GLY A 190 -15.76 -7.63 -6.21
CA GLY A 190 -16.90 -7.18 -5.43
C GLY A 190 -16.73 -5.85 -4.71
N VAL A 191 -15.51 -5.30 -4.74
CA VAL A 191 -15.26 -4.01 -4.06
C VAL A 191 -15.58 -2.87 -5.05
N GLU A 192 -16.73 -2.23 -4.82
CA GLU A 192 -17.12 -1.07 -5.63
C GLU A 192 -16.35 0.13 -5.10
N PHE A 193 -15.70 0.84 -6.00
CA PHE A 193 -15.03 2.11 -5.72
C PHE A 193 -15.86 3.28 -6.25
N ASP A 194 -15.75 4.42 -5.57
CA ASP A 194 -16.40 5.61 -6.01
C ASP A 194 -15.45 6.59 -6.64
N VAL A 195 -14.19 6.58 -6.18
CA VAL A 195 -13.15 7.43 -6.77
C VAL A 195 -11.91 6.56 -6.95
N ALA A 196 -11.34 6.60 -8.14
CA ALA A 196 -10.07 5.92 -8.45
C ALA A 196 -9.00 6.93 -8.76
N ILE A 197 -7.84 6.72 -8.12
CA ILE A 197 -6.75 7.67 -8.18
C ILE A 197 -5.49 6.95 -8.63
N PHE A 198 -4.80 7.57 -9.58
CA PHE A 198 -3.55 7.07 -10.15
C PHE A 198 -2.39 7.98 -9.76
N SER A 199 -1.27 7.38 -9.35
CA SER A 199 -0.03 8.15 -9.10
C SER A 199 0.91 8.09 -10.30
N ASN A 200 1.53 6.94 -10.58
CA ASN A 200 2.50 6.79 -11.67
C ASN A 200 2.67 5.33 -12.05
N LEU A 201 3.31 5.06 -13.18
CA LEU A 201 3.65 3.71 -13.59
C LEU A 201 5.14 3.66 -14.01
N THR A 202 5.98 3.04 -13.18
CA THR A 202 7.40 2.89 -13.44
C THR A 202 7.76 1.44 -13.20
N GLN A 203 8.99 1.03 -13.52
CA GLN A 203 9.25 -0.41 -13.60
C GLN A 203 9.27 -1.06 -12.22
N ASP A 204 8.37 -2.01 -11.99
CA ASP A 204 8.35 -2.76 -10.73
C ASP A 204 7.51 -3.98 -10.99
N HIS A 205 7.62 -4.99 -10.11
CA HIS A 205 6.74 -6.14 -10.12
C HIS A 205 6.75 -6.94 -11.42
N LEU A 206 7.83 -6.87 -12.19
CA LEU A 206 7.84 -7.67 -13.41
C LEU A 206 8.12 -9.16 -13.16
N ASP A 207 8.57 -9.52 -11.95
CA ASP A 207 8.60 -10.94 -11.55
C ASP A 207 7.18 -11.54 -11.58
N PHE A 208 6.18 -10.70 -11.34
CA PHE A 208 4.81 -11.14 -11.39
C PHE A 208 4.14 -10.90 -12.74
N HIS A 209 4.27 -9.68 -13.28
CA HIS A 209 3.56 -9.31 -14.51
C HIS A 209 4.26 -9.68 -15.81
N GLY A 210 5.56 -9.98 -15.73
CA GLY A 210 6.35 -10.30 -16.93
C GLY A 210 6.75 -9.03 -17.66
N THR A 211 5.76 -8.24 -18.12
CA THR A 211 6.03 -7.02 -18.91
C THR A 211 5.43 -5.73 -18.34
N MET A 212 6.00 -4.59 -18.71
CA MET A 212 5.39 -3.27 -18.40
C MET A 212 3.99 -3.14 -19.01
N GLU A 213 3.80 -3.73 -20.18
CA GLU A 213 2.51 -3.64 -20.79
C GLU A 213 1.46 -4.36 -19.93
N ALA A 214 1.77 -5.57 -19.47
CA ALA A 214 0.81 -6.31 -18.68
C ALA A 214 0.63 -5.62 -17.33
N TYR A 215 1.70 -5.04 -16.80
CA TYR A 215 1.63 -4.38 -15.50
C TYR A 215 0.69 -3.15 -15.56
N GLY A 216 0.85 -2.35 -16.60
CA GLY A 216 -0.02 -1.19 -16.78
C GLY A 216 -1.45 -1.61 -16.97
N HIS A 217 -1.65 -2.65 -17.79
CA HIS A 217 -2.99 -3.12 -18.03
C HIS A 217 -3.66 -3.61 -16.73
N ALA A 218 -2.90 -4.28 -15.88
CA ALA A 218 -3.41 -4.63 -14.57
C ALA A 218 -3.92 -3.41 -13.81
N SER A 220 -4.96 -0.61 -14.90
CA SER A 220 -6.13 -0.02 -15.57
C SER A 220 -7.45 -0.62 -15.08
N LEU A 221 -7.40 -1.84 -14.53
CA LEU A 221 -8.62 -2.50 -14.08
C LEU A 221 -9.31 -1.67 -12.97
N LEU A 222 -8.51 -1.04 -12.09
CA LEU A 222 -9.17 -0.23 -11.04
C LEU A 222 -10.13 0.81 -11.70
N PHE A 223 -9.71 1.31 -12.85
CA PHE A 223 -10.47 2.40 -13.52
C PHE A 223 -11.63 1.85 -14.35
N SER A 224 -11.36 0.81 -15.12
CA SER A 224 -12.47 0.24 -15.95
C SER A 224 -13.52 -0.45 -15.08
N GLN A 225 -13.10 -1.06 -13.97
CA GLN A 225 -14.03 -1.72 -13.06
C GLN A 225 -14.94 -0.79 -12.26
N LEU A 226 -14.75 0.54 -12.37
CA LEU A 226 -15.73 1.46 -11.85
C LEU A 226 -17.11 1.22 -12.52
N GLY A 227 -17.14 0.66 -13.72
CA GLY A 227 -18.40 0.31 -14.36
C GLY A 227 -18.95 1.39 -15.27
N GLU A 228 -20.23 1.27 -15.61
CA GLU A 228 -20.80 2.13 -16.66
C GLU A 228 -22.09 2.87 -16.26
N ASP A 229 -22.50 2.73 -14.99
CA ASP A 229 -23.73 3.40 -14.52
C ASP A 229 -23.49 4.89 -14.30
N LEU A 230 -23.90 5.68 -15.26
CA LEU A 230 -23.65 7.10 -15.18
C LEU A 230 -24.62 7.88 -14.27
N SER A 231 -25.56 7.17 -13.64
CA SER A 231 -26.37 7.79 -12.56
C SER A 231 -25.56 7.91 -11.26
N LYS A 232 -24.41 7.22 -11.20
CA LYS A 232 -23.56 7.27 -10.01
C LYS A 232 -22.54 8.38 -10.09
N GLU A 233 -22.30 8.99 -8.94
CA GLU A 233 -21.32 10.01 -8.85
C GLU A 233 -19.99 9.29 -8.61
N LYS A 234 -19.28 8.96 -9.70
CA LYS A 234 -17.91 8.42 -9.58
C LYS A 234 -16.92 9.29 -10.36
N TYR A 235 -15.66 9.29 -9.92
CA TYR A 235 -14.64 10.21 -10.46
C TYR A 235 -13.30 9.51 -10.55
N VAL A 236 -12.48 10.00 -11.47
CA VAL A 236 -11.15 9.47 -11.71
C VAL A 236 -10.17 10.63 -11.57
N VAL A 237 -9.07 10.40 -10.84
CA VAL A 237 -8.06 11.42 -10.59
C VAL A 237 -6.72 10.93 -11.18
N LEU A 238 -6.22 11.61 -12.22
CA LEU A 238 -5.05 11.13 -12.95
C LEU A 238 -3.91 12.13 -12.91
N ASN A 239 -2.69 11.60 -12.92
CA ASN A 239 -1.46 12.39 -12.97
C ASN A 239 -1.01 12.69 -14.41
N ASN A 240 -1.22 13.93 -14.87
CA ASN A 240 -0.73 14.32 -16.18
C ASN A 240 0.80 14.29 -16.39
N ASP A 241 1.56 14.24 -15.30
CA ASP A 241 3.03 14.10 -15.40
C ASP A 241 3.43 12.65 -15.73
N ASP A 242 2.47 11.73 -15.74
CA ASP A 242 2.76 10.35 -16.13
C ASP A 242 2.06 10.00 -17.43
N SER A 243 2.80 9.49 -18.41
CA SER A 243 2.25 9.30 -19.74
C SER A 243 1.18 8.21 -19.80
N PHE A 244 1.07 7.39 -18.74
CA PHE A 244 0.11 6.28 -18.76
C PHE A 244 -1.33 6.79 -18.57
N SER A 245 -1.44 7.96 -17.95
CA SER A 245 -2.74 8.61 -17.79
C SER A 245 -3.51 8.78 -19.09
N GLU A 246 -2.80 8.98 -20.19
CA GLU A 246 -3.53 9.10 -21.49
C GLU A 246 -4.32 7.82 -21.80
N TYR A 247 -3.70 6.67 -21.57
CA TYR A 247 -4.38 5.40 -21.71
C TYR A 247 -5.53 5.21 -20.69
N LEU A 248 -5.27 5.49 -19.42
CA LEU A 248 -6.28 5.35 -18.40
C LEU A 248 -7.59 6.11 -18.72
N ARG A 249 -7.50 7.30 -19.33
CA ARG A 249 -8.72 8.00 -19.71
C ARG A 249 -9.66 7.17 -20.57
N THR A 250 -9.05 6.32 -21.42
CA THR A 250 -9.87 5.58 -22.39
C THR A 250 -10.68 4.41 -21.79
N VAL A 251 -10.43 4.03 -20.54
CA VAL A 251 -11.00 2.76 -20.03
C VAL A 251 -12.19 2.96 -19.09
N THR A 252 -12.58 4.21 -18.89
CA THR A 252 -13.68 4.56 -17.97
C THR A 252 -14.48 5.75 -18.54
N PRO A 253 -15.80 5.81 -18.31
CA PRO A 253 -16.62 6.96 -18.81
C PRO A 253 -16.72 8.14 -17.83
N TYR A 254 -16.26 7.94 -16.59
CA TYR A 254 -16.51 8.95 -15.57
C TYR A 254 -15.65 10.18 -15.75
N GLU A 255 -16.09 11.29 -15.18
CA GLU A 255 -15.33 12.53 -15.32
C GLU A 255 -13.91 12.35 -14.74
N VAL A 256 -12.92 12.88 -15.46
CA VAL A 256 -11.49 12.77 -15.13
C VAL A 256 -11.00 14.11 -14.64
N PHE A 257 -10.41 14.11 -13.45
CA PHE A 257 -9.70 15.28 -12.92
C PHE A 257 -8.21 15.07 -13.01
N SER A 258 -7.51 16.00 -13.68
CA SER A 258 -6.04 15.85 -13.84
C SER A 258 -5.24 16.74 -12.93
N TYR A 259 -4.13 16.23 -12.43
CA TYR A 259 -3.17 17.09 -11.70
C TYR A 259 -1.78 17.04 -12.34
N GLY A 260 -0.94 18.05 -12.11
CA GLY A 260 0.37 18.06 -12.77
C GLY A 260 1.28 19.08 -12.14
N ILE A 261 2.58 18.89 -12.31
CA ILE A 261 3.53 19.92 -11.97
C ILE A 261 4.28 20.28 -13.24
N ASP A 262 4.89 19.27 -13.87
CA ASP A 262 5.61 19.51 -15.13
C ASP A 262 4.75 19.70 -16.37
N GLU A 263 3.63 19.00 -16.41
CA GLU A 263 2.73 19.02 -17.56
C GLU A 263 1.45 19.77 -17.21
N GLU A 264 0.83 20.39 -18.22
CA GLU A 264 -0.44 21.08 -18.02
C GLU A 264 -1.51 20.15 -17.51
N ALA A 265 -2.31 20.63 -16.57
CA ALA A 265 -3.39 19.85 -15.99
C ALA A 265 -4.44 20.77 -15.42
N GLN A 266 -5.59 20.21 -15.05
CA GLN A 266 -6.65 21.00 -14.47
C GLN A 266 -6.28 21.56 -13.11
N PHE A 267 -5.57 20.77 -12.32
CA PHE A 267 -5.07 21.19 -11.01
C PHE A 267 -3.54 21.15 -11.08
N MET A 268 -2.86 22.25 -10.77
CA MET A 268 -1.40 22.26 -10.87
C MET A 268 -0.75 22.89 -9.64
N ALA A 269 0.53 22.57 -9.40
CA ALA A 269 1.34 23.25 -8.40
C ALA A 269 2.40 24.14 -9.06
N LYS A 270 2.35 25.43 -8.71
CA LYS A 270 3.28 26.46 -9.19
C LYS A 270 3.97 27.12 -8.01
N ASN A 271 5.06 27.83 -8.29
CA ASN A 271 5.76 28.65 -7.30
C ASN A 271 6.02 27.80 -6.03
N ILE A 272 6.59 26.62 -6.25
CA ILE A 272 6.84 25.65 -5.20
C ILE A 272 8.05 26.09 -4.35
N GLN A 273 7.87 26.14 -3.03
CA GLN A 273 8.98 26.41 -2.13
C GLN A 273 9.15 25.20 -1.20
N GLU A 274 10.40 24.74 -1.07
CA GLU A 274 10.68 23.49 -0.36
C GLU A 274 11.50 23.71 0.91
N SER A 275 11.23 22.89 1.91
CA SER A 275 12.05 22.79 3.13
C SER A 275 11.96 21.37 3.64
N LEU A 276 12.79 21.03 4.64
CA LEU A 276 12.66 19.75 5.34
C LEU A 276 11.47 19.78 6.31
N GLN A 277 10.85 20.94 6.46
CA GLN A 277 9.68 21.12 7.34
C GLN A 277 8.39 21.20 6.53
N GLY A 278 8.46 20.97 5.22
CA GLY A 278 7.25 21.01 4.40
C GLY A 278 7.41 21.96 3.24
N VAL A 279 6.30 22.23 2.55
CA VAL A 279 6.31 23.02 1.34
C VAL A 279 5.19 24.07 1.32
N SER A 280 5.38 25.08 0.46
CA SER A 280 4.27 25.94 0.07
C SER A 280 4.17 25.91 -1.46
N PHE A 281 2.98 26.08 -2.00
CA PHE A 281 2.85 26.21 -3.46
C PHE A 281 1.52 26.87 -3.76
N ASP A 282 1.43 27.38 -4.96
CA ASP A 282 0.18 27.91 -5.44
C ASP A 282 -0.49 26.80 -6.22
N PHE A 283 -1.72 26.54 -5.80
CA PHE A 283 -2.52 25.42 -6.29
C PHE A 283 -3.52 25.96 -7.29
N VAL A 284 -3.20 25.76 -8.57
CA VAL A 284 -4.03 26.25 -9.69
C VAL A 284 -5.16 25.24 -9.85
N THR A 285 -6.40 25.71 -9.84
CA THR A 285 -7.54 24.83 -10.00
C THR A 285 -8.44 25.42 -11.06
N PRO A 286 -9.46 24.65 -11.53
CA PRO A 286 -10.40 25.20 -12.49
C PRO A 286 -11.22 26.40 -11.94
N PHE A 287 -11.20 26.63 -10.63
CA PHE A 287 -12.10 27.57 -9.98
C PHE A 287 -11.33 28.77 -9.44
N GLY A 288 -10.00 28.72 -9.51
CA GLY A 288 -9.16 29.77 -8.92
C GLY A 288 -7.82 29.18 -8.53
N THR A 289 -6.91 30.03 -8.11
CA THR A 289 -5.61 29.56 -7.65
C THR A 289 -5.44 29.94 -6.19
N TYR A 290 -5.03 28.97 -5.35
CA TYR A 290 -4.99 29.16 -3.89
C TYR A 290 -3.64 28.77 -3.28
N PRO A 291 -3.17 29.56 -2.29
CA PRO A 291 -1.95 29.16 -1.59
C PRO A 291 -2.16 27.92 -0.71
N VAL A 292 -1.23 26.98 -0.79
CA VAL A 292 -1.28 25.74 -0.01
C VAL A 292 -0.02 25.64 0.81
N LYS A 293 -0.20 25.29 2.07
CA LYS A 293 0.90 24.92 2.96
C LYS A 293 0.73 23.46 3.32
N SER A 294 1.78 22.67 3.11
CA SER A 294 1.72 21.23 3.36
C SER A 294 2.89 20.82 4.25
N PRO A 295 2.67 19.89 5.23
CA PRO A 295 3.81 19.53 6.09
C PRO A 295 4.74 18.49 5.43
N TYR A 296 4.33 17.97 4.28
CA TYR A 296 5.09 16.91 3.61
C TYR A 296 6.25 17.44 2.80
N VAL A 297 7.28 16.62 2.67
CA VAL A 297 8.54 17.04 2.06
C VAL A 297 8.63 16.59 0.61
N GLY A 298 9.07 17.49 -0.28
CA GLY A 298 9.41 17.08 -1.64
C GLY A 298 8.36 17.26 -2.72
N LYS A 299 8.79 17.48 -3.96
CA LYS A 299 7.83 17.62 -5.08
C LYS A 299 6.98 16.39 -5.29
N PHE A 300 7.55 15.20 -5.09
CA PHE A 300 6.69 14.00 -5.24
C PHE A 300 5.47 14.03 -4.28
N ASN A 301 5.65 14.58 -3.08
CA ASN A 301 4.55 14.70 -2.13
C ASN A 301 3.59 15.82 -2.45
N ILE A 302 4.03 16.78 -3.26
CA ILE A 302 3.09 17.73 -3.82
C ILE A 302 2.16 17.04 -4.84
N SER A 303 2.70 16.25 -5.75
CA SER A 303 1.83 15.40 -6.59
C SER A 303 0.86 14.61 -5.70
N ASN A 304 1.38 13.97 -4.66
CA ASN A 304 0.55 13.10 -3.82
C ASN A 304 -0.54 13.87 -3.10
N ILE A 305 -0.17 15.01 -2.50
CA ILE A 305 -1.18 15.77 -1.78
C ILE A 305 -2.23 16.39 -2.71
N MET A 306 -1.83 16.78 -3.92
CA MET A 306 -2.81 17.26 -4.88
C MET A 306 -3.82 16.15 -5.23
N ALA A 307 -3.31 14.94 -5.49
CA ALA A 307 -4.18 13.78 -5.74
C ALA A 307 -5.20 13.59 -4.59
N ALA A 308 -4.69 13.60 -3.35
CA ALA A 308 -5.53 13.47 -2.15
C ALA A 308 -6.61 14.57 -2.01
N MET A 309 -6.21 15.85 -2.19
CA MET A 309 -7.17 16.95 -2.14
C MET A 309 -8.27 16.83 -3.22
N ILE A 310 -7.88 16.53 -4.45
CA ILE A 310 -8.83 16.44 -5.55
C ILE A 310 -9.82 15.29 -5.29
N ALA A 311 -9.31 14.16 -4.77
CA ALA A 311 -10.19 13.01 -4.47
C ALA A 311 -11.26 13.40 -3.46
N VAL A 312 -10.88 14.13 -2.40
CA VAL A 312 -11.86 14.49 -1.37
C VAL A 312 -12.81 15.56 -1.92
N TRP A 313 -12.25 16.52 -2.65
CA TRP A 313 -13.07 17.55 -3.29
C TRP A 313 -14.12 16.95 -4.21
N SER A 314 -13.74 15.91 -4.96
CA SER A 314 -14.63 15.34 -5.99
C SER A 314 -15.95 14.86 -5.37
N LYS A 315 -15.93 14.48 -4.10
CA LYS A 315 -17.15 13.98 -3.42
C LYS A 315 -17.89 15.06 -2.61
N GLY A 316 -17.51 16.33 -2.81
CA GLY A 316 -18.36 17.43 -2.47
C GLY A 316 -17.87 18.38 -1.40
N THR A 317 -16.63 18.21 -0.92
CA THR A 317 -16.09 19.09 0.10
C THR A 317 -15.40 20.24 -0.61
N SER A 318 -15.55 21.45 -0.05
CA SER A 318 -14.97 22.66 -0.64
C SER A 318 -13.45 22.62 -0.58
N LEU A 319 -12.80 23.12 -1.63
CA LEU A 319 -11.35 23.17 -1.66
C LEU A 319 -10.81 24.00 -0.53
N GLU A 320 -11.47 25.10 -0.22
CA GLU A 320 -10.99 25.97 0.85
C GLU A 320 -10.84 25.20 2.17
N THR A 321 -11.87 24.44 2.52
CA THR A 321 -11.88 23.63 3.73
C THR A 321 -10.82 22.51 3.67
N ILE A 322 -10.64 21.89 2.51
CA ILE A 322 -9.58 20.88 2.37
C ILE A 322 -8.18 21.48 2.55
N ILE A 323 -7.93 22.63 1.91
CA ILE A 323 -6.62 23.29 1.99
C ILE A 323 -6.30 23.68 3.44
N LYS A 324 -7.32 24.08 4.17
CA LYS A 324 -7.10 24.43 5.59
C LYS A 324 -6.70 23.19 6.41
N ALA A 325 -7.37 22.07 6.10
CA ALA A 325 -7.16 20.78 6.78
C ALA A 325 -5.76 20.26 6.52
N VAL A 326 -5.26 20.42 5.29
CA VAL A 326 -3.94 19.90 4.92
C VAL A 326 -2.78 20.51 5.71
N GLU A 327 -2.95 21.74 6.17
CA GLU A 327 -1.83 22.49 6.76
C GLU A 327 -1.06 21.75 7.85
N ASN A 328 -1.77 21.17 8.80
CA ASN A 328 -1.03 20.44 9.84
C ASN A 328 -1.40 18.95 9.88
N LEU A 329 -1.48 18.35 8.70
CA LEU A 329 -1.71 16.93 8.63
C LEU A 329 -0.54 16.15 9.24
N GLU A 330 -0.86 15.01 9.83
CA GLU A 330 0.09 14.20 10.56
C GLU A 330 1.02 13.48 9.56
N PRO A 331 2.19 13.00 10.01
CA PRO A 331 3.04 12.29 9.05
C PRO A 331 2.45 10.98 8.57
N VAL A 332 2.84 10.56 7.36
CA VAL A 332 2.52 9.24 6.83
C VAL A 332 3.71 8.39 7.31
N GLU A 333 3.42 7.42 8.17
CA GLU A 333 4.49 6.69 8.84
C GLU A 333 5.38 5.99 7.81
N GLY A 334 6.68 6.21 7.95
CA GLY A 334 7.69 5.55 7.12
C GLY A 334 8.00 6.28 5.82
N ARG A 335 7.22 7.32 5.48
CA ARG A 335 7.40 7.98 4.18
C ARG A 335 8.03 9.35 4.44
N LEU A 336 9.27 9.54 3.96
CA LEU A 336 10.12 10.73 4.24
C LEU A 336 9.83 11.42 5.58
N GLU A 337 10.15 10.72 6.66
CA GLU A 337 10.00 11.30 8.00
C GLU A 337 11.34 11.83 8.46
N VAL A 338 11.36 13.08 8.91
CA VAL A 338 12.55 13.66 9.53
C VAL A 338 12.54 13.27 11.02
N LEU A 339 13.54 12.52 11.44
CA LEU A 339 13.57 12.09 12.81
C LEU A 339 14.18 13.21 13.67
N ASP A 340 14.00 13.09 14.98
CA ASP A 340 14.47 14.06 15.99
C ASP A 340 15.33 15.20 15.46
N PRO A 341 14.70 16.35 15.11
CA PRO A 341 15.42 17.47 14.54
C PRO A 341 16.41 18.14 15.51
N SER A 342 16.37 17.80 16.80
CA SER A 342 17.41 18.31 17.73
C SER A 342 18.81 17.67 17.56
N LEU A 343 18.93 16.58 16.79
CA LEU A 343 20.24 15.96 16.50
C LEU A 343 21.13 16.91 15.69
N PRO A 344 22.47 16.78 15.81
CA PRO A 344 23.37 17.63 15.02
C PRO A 344 23.60 17.11 13.61
N ILE A 345 22.91 16.03 13.28
CA ILE A 345 22.75 15.55 11.89
C ILE A 345 21.28 15.46 11.48
N ASP A 346 21.02 15.55 10.18
CA ASP A 346 19.70 15.24 9.64
C ASP A 346 19.58 13.73 9.61
N LEU A 347 18.52 13.19 10.20
CA LEU A 347 18.30 11.75 10.20
C LEU A 347 16.90 11.50 9.64
N ILE A 348 16.83 10.87 8.47
CA ILE A 348 15.59 10.76 7.72
C ILE A 348 15.30 9.29 7.44
N ILE A 349 14.07 8.85 7.65
CA ILE A 349 13.67 7.51 7.19
C ILE A 349 12.73 7.61 6.00
N ASP A 350 12.80 6.63 5.11
CA ASP A 350 11.92 6.65 3.96
C ASP A 350 11.75 5.25 3.36
N TYR A 351 10.64 5.04 2.64
CA TYR A 351 10.29 3.72 2.16
C TYR A 351 10.74 3.48 0.72
N ALA A 352 11.48 4.40 0.12
CA ALA A 352 11.95 4.21 -1.29
C ALA A 352 12.61 2.85 -1.51
N HIS A 353 12.12 2.13 -2.50
CA HIS A 353 12.49 0.71 -2.73
C HIS A 353 12.50 0.37 -4.22
N THR A 354 12.29 1.38 -5.06
CA THR A 354 12.54 1.27 -6.55
C THR A 354 13.39 2.43 -7.06
N ALA A 355 13.96 2.30 -8.26
CA ALA A 355 14.86 3.35 -8.80
C ALA A 355 14.16 4.70 -8.84
N ASP A 356 12.92 4.73 -9.37
CA ASP A 356 12.19 6.00 -9.45
C ASP A 356 11.88 6.59 -8.08
N GLY A 357 11.46 5.74 -7.14
CA GLY A 357 11.19 6.23 -5.79
C GLY A 357 12.45 6.82 -5.15
N MET A 358 13.56 6.14 -5.32
CA MET A 358 14.84 6.62 -4.78
C MET A 358 15.23 7.96 -5.39
N ASN A 359 15.02 8.11 -6.70
CA ASN A 359 15.38 9.38 -7.36
C ASN A 359 14.54 10.51 -6.77
N LYS A 360 13.25 10.25 -6.56
CA LYS A 360 12.36 11.26 -6.00
C LYS A 360 12.73 11.59 -4.56
N LEU A 361 13.14 10.59 -3.79
CA LEU A 361 13.60 10.82 -2.41
C LEU A 361 14.85 11.70 -2.37
N ILE A 362 15.87 11.32 -3.16
CA ILE A 362 17.10 12.09 -3.25
C ILE A 362 16.87 13.50 -3.84
N ASP A 363 16.03 13.63 -4.88
CA ASP A 363 15.61 14.96 -5.34
C ASP A 363 15.08 15.84 -4.22
N ALA A 364 14.27 15.25 -3.33
CA ALA A 364 13.65 16.00 -2.24
C ALA A 364 14.63 16.41 -1.15
N VAL A 365 15.61 15.56 -0.86
CA VAL A 365 16.50 15.77 0.31
C VAL A 365 17.79 16.55 -0.01
N GLN A 366 18.35 16.27 -1.20
CA GLN A 366 19.63 16.83 -1.65
C GLN A 366 19.78 18.37 -1.56
N PRO A 367 18.73 19.15 -1.90
CA PRO A 367 18.89 20.60 -1.79
C PRO A 367 19.19 21.06 -0.36
N PHE A 368 18.93 20.19 0.61
CA PHE A 368 19.10 20.54 2.01
C PHE A 368 20.32 19.95 2.69
N VAL A 369 21.15 19.26 1.89
CA VAL A 369 22.38 18.67 2.38
C VAL A 369 23.44 19.77 2.46
N LYS A 370 23.93 20.02 3.67
CA LYS A 370 24.93 21.08 3.93
C LYS A 370 26.35 20.57 3.70
N GLN A 371 26.53 19.26 3.93
CA GLN A 371 27.84 18.66 3.91
C GLN A 371 27.74 17.38 3.12
N LYS A 372 27.66 16.23 3.79
CA LYS A 372 27.62 14.96 3.07
C LYS A 372 26.31 14.21 3.24
N LEU A 373 25.92 13.56 2.16
CA LEU A 373 24.73 12.71 2.16
C LEU A 373 25.16 11.26 2.32
N ILE A 374 24.73 10.66 3.42
CA ILE A 374 25.01 9.26 3.75
C ILE A 374 23.71 8.51 3.55
N PHE A 375 23.73 7.53 2.67
CA PHE A 375 22.49 6.96 2.13
C PHE A 375 22.53 5.42 2.24
N LEU A 376 21.64 4.86 3.06
CA LEU A 376 21.49 3.44 3.20
C LEU A 376 20.22 2.97 2.47
N VAL A 377 20.33 1.86 1.74
CA VAL A 377 19.16 1.31 1.05
C VAL A 377 19.23 -0.21 1.10
N GLY A 378 18.08 -0.87 1.03
CA GLY A 378 18.08 -2.33 0.93
C GLY A 378 17.38 -2.76 -0.33
N MET A 379 17.71 -3.96 -0.80
CA MET A 379 16.94 -4.62 -1.87
C MET A 379 16.12 -5.75 -1.27
N ALA A 380 14.83 -5.82 -1.66
CA ALA A 380 13.96 -6.86 -1.18
C ALA A 380 14.35 -8.24 -1.72
N GLY A 381 14.28 -9.26 -0.86
CA GLY A 381 14.46 -10.67 -1.28
C GLY A 381 13.32 -11.20 -2.15
N GLU A 382 13.67 -12.09 -3.08
CA GLU A 382 12.69 -12.87 -3.88
C GLU A 382 11.81 -12.02 -4.77
N ARG A 383 12.40 -10.92 -5.25
CA ARG A 383 11.75 -10.00 -6.16
C ARG A 383 12.63 -9.91 -7.41
N ASP A 384 12.07 -9.37 -8.47
CA ASP A 384 12.82 -9.18 -9.71
C ASP A 384 14.06 -8.28 -9.49
N LEU A 385 15.23 -8.79 -9.87
CA LEU A 385 16.49 -8.08 -9.66
C LEU A 385 16.90 -7.19 -10.83
N THR A 386 16.10 -7.19 -11.91
CA THR A 386 16.53 -6.52 -13.14
C THR A 386 16.82 -5.02 -12.97
N LYS A 387 16.12 -4.34 -12.04
CA LYS A 387 16.36 -2.91 -11.81
C LYS A 387 17.16 -2.60 -10.54
N THR A 388 17.68 -3.67 -9.92
CA THR A 388 18.53 -3.53 -8.74
C THR A 388 19.85 -2.78 -8.97
N PRO A 389 20.62 -3.11 -10.05
CA PRO A 389 21.81 -2.28 -10.26
C PRO A 389 21.46 -0.82 -10.50
N GLU A 390 20.34 -0.55 -11.16
CA GLU A 390 19.87 0.83 -11.36
C GLU A 390 19.61 1.53 -10.01
N MET A 391 19.04 0.78 -9.07
CA MET A 391 18.88 1.30 -7.69
C MET A 391 20.23 1.64 -7.07
N GLY A 392 21.23 0.80 -7.34
CA GLY A 392 22.59 1.05 -6.85
C GLY A 392 23.21 2.30 -7.47
N ARG A 393 22.94 2.50 -8.76
CA ARG A 393 23.36 3.73 -9.45
C ARG A 393 22.72 4.97 -8.86
N VAL A 394 21.39 4.94 -8.72
CA VAL A 394 20.66 6.08 -8.15
C VAL A 394 21.21 6.40 -6.75
N ALA A 395 21.45 5.35 -5.96
CA ALA A 395 21.97 5.55 -4.60
C ALA A 395 23.30 6.32 -4.60
N CYS A 396 24.14 6.06 -5.61
CA CYS A 396 25.46 6.75 -5.73
C CYS A 396 25.37 8.23 -6.09
N ARG A 397 24.16 8.76 -6.17
CA ARG A 397 23.99 10.22 -6.08
C ARG A 397 24.45 10.74 -4.72
N ALA A 398 24.40 9.89 -3.69
CA ALA A 398 24.86 10.28 -2.36
C ALA A 398 26.39 10.23 -2.28
N ASP A 399 26.95 10.78 -1.21
CA ASP A 399 28.40 10.81 -1.04
C ASP A 399 28.94 9.49 -0.51
N TYR A 400 28.17 8.85 0.35
CA TYR A 400 28.55 7.57 0.95
C TYR A 400 27.32 6.67 0.96
N VAL A 401 27.46 5.44 0.46
CA VAL A 401 26.32 4.58 0.25
C VAL A 401 26.46 3.27 1.04
N ILE A 402 25.42 2.89 1.76
CA ILE A 402 25.39 1.61 2.47
C ILE A 402 24.31 0.70 1.87
N PHE A 403 24.73 -0.48 1.39
CA PHE A 403 23.82 -1.47 0.84
C PHE A 403 23.50 -2.61 1.81
N THR A 404 22.21 -2.91 1.95
CA THR A 404 21.76 -3.94 2.89
C THR A 404 20.68 -4.79 2.24
N PRO A 405 20.37 -5.98 2.80
CA PRO A 405 19.14 -6.68 2.39
C PRO A 405 17.92 -6.11 3.10
N ASP A 406 16.78 -6.23 2.44
CA ASP A 406 15.50 -5.87 3.02
C ASP A 406 14.63 -7.11 2.89
N ASN A 407 14.14 -7.67 4.00
CA ASN A 407 13.29 -8.88 3.87
C ASN A 407 13.92 -9.90 2.90
N PRO A 408 15.15 -10.32 3.20
CA PRO A 408 15.82 -11.22 2.24
C PRO A 408 15.10 -12.57 2.05
N ALA A 409 14.32 -12.97 3.05
CA ALA A 409 13.63 -14.26 3.08
C ALA A 409 14.63 -15.41 2.82
N ASN A 410 14.43 -16.16 1.74
CA ASN A 410 15.35 -17.26 1.46
C ASN A 410 16.51 -16.90 0.54
N ASP A 411 16.57 -15.66 0.06
CA ASP A 411 17.70 -15.21 -0.75
C ASP A 411 18.94 -15.01 0.13
N ASP A 412 20.11 -15.33 -0.42
CA ASP A 412 21.37 -14.98 0.23
C ASP A 412 21.50 -13.44 0.31
N PRO A 413 21.60 -12.87 1.53
CA PRO A 413 21.66 -11.40 1.63
C PRO A 413 22.84 -10.77 0.86
N LYS A 414 23.97 -11.47 0.79
CA LYS A 414 25.15 -10.96 0.08
C LYS A 414 24.89 -10.87 -1.44
N MET A 415 24.06 -11.77 -1.94
CA MET A 415 23.65 -11.71 -3.35
C MET A 415 22.84 -10.41 -3.61
N LEU A 416 21.97 -10.06 -2.65
CA LEU A 416 21.15 -8.84 -2.79
C LEU A 416 22.03 -7.59 -2.75
N THR A 417 22.96 -7.52 -1.79
CA THR A 417 23.80 -6.32 -1.68
C THR A 417 24.78 -6.22 -2.85
N ALA A 418 25.31 -7.36 -3.29
CA ALA A 418 26.20 -7.39 -4.45
C ALA A 418 25.46 -6.97 -5.71
N GLU A 419 24.17 -7.27 -5.83
CA GLU A 419 23.43 -6.87 -7.03
C GLU A 419 23.28 -5.33 -7.09
N LEU A 420 23.01 -4.74 -5.94
CA LEU A 420 22.97 -3.28 -5.78
C LEU A 420 24.31 -2.66 -6.15
N ALA A 421 25.40 -3.27 -5.66
CA ALA A 421 26.76 -2.78 -5.87
C ALA A 421 27.13 -2.75 -7.34
N LYS A 422 26.53 -3.62 -8.15
CA LYS A 422 26.85 -3.66 -9.57
C LYS A 422 26.53 -2.33 -10.30
N GLY A 423 25.63 -1.53 -9.73
CA GLY A 423 25.27 -0.26 -10.36
C GLY A 423 26.05 0.95 -9.88
N ALA A 424 26.90 0.76 -8.87
CA ALA A 424 27.62 1.88 -8.27
C ALA A 424 28.50 2.62 -9.28
N THR A 425 28.55 3.94 -9.16
CA THR A 425 29.31 4.76 -10.11
C THR A 425 30.50 5.42 -9.43
N HIS A 426 30.62 5.23 -8.12
CA HIS A 426 31.85 5.60 -7.42
C HIS A 426 32.23 4.53 -6.40
N GLN A 427 33.38 4.70 -5.75
CA GLN A 427 33.91 3.67 -4.86
C GLN A 427 33.50 3.83 -3.39
N ASN A 428 32.80 4.91 -3.07
CA ASN A 428 32.37 5.18 -1.69
C ASN A 428 31.06 4.50 -1.25
N TYR A 429 31.10 3.17 -1.27
CA TYR A 429 30.00 2.33 -0.78
C TYR A 429 30.55 1.16 0.04
N ILE A 430 29.64 0.51 0.77
CA ILE A 430 29.94 -0.64 1.63
C ILE A 430 28.67 -1.50 1.69
N GLU A 431 28.84 -2.83 1.80
CA GLU A 431 27.73 -3.78 1.87
C GLU A 431 27.73 -4.53 3.22
N PHE A 432 26.53 -4.69 3.78
CA PHE A 432 26.34 -5.46 5.01
C PHE A 432 25.26 -6.52 4.84
N ASP A 433 25.57 -7.76 5.24
CA ASP A 433 24.56 -8.82 5.31
C ASP A 433 23.47 -8.48 6.33
N ASP A 434 23.84 -7.75 7.37
CA ASP A 434 22.92 -7.42 8.46
C ASP A 434 22.55 -5.95 8.39
N ARG A 435 21.26 -5.65 8.20
CA ARG A 435 20.83 -4.25 8.01
C ARG A 435 21.05 -3.38 9.24
N ALA A 436 20.79 -3.92 10.44
CA ALA A 436 21.04 -3.20 11.68
C ALA A 436 22.51 -2.78 11.81
N GLU A 437 23.42 -3.68 11.46
CA GLU A 437 24.86 -3.41 11.47
C GLU A 437 25.18 -2.27 10.50
N GLY A 438 24.55 -2.28 9.33
CA GLY A 438 24.69 -1.23 8.32
C GLY A 438 24.22 0.12 8.83
N ILE A 439 23.09 0.13 9.55
CA ILE A 439 22.59 1.38 10.12
C ILE A 439 23.60 1.96 11.12
N LYS A 440 24.16 1.12 11.99
CA LYS A 440 25.06 1.61 13.01
C LYS A 440 26.30 2.18 12.35
N HIS A 441 26.69 1.55 11.23
CA HIS A 441 27.85 2.01 10.46
C HIS A 441 27.59 3.39 9.85
N ALA A 442 26.38 3.60 9.34
CA ALA A 442 26.00 4.90 8.80
C ALA A 442 26.19 6.02 9.80
N ILE A 443 25.75 5.78 11.04
CA ILE A 443 25.98 6.73 12.13
C ILE A 443 27.46 6.90 12.47
N ASP A 444 28.24 5.80 12.42
CA ASP A 444 29.69 5.83 12.71
C ASP A 444 30.41 6.83 11.78
N ILE A 445 29.98 6.83 10.52
CA ILE A 445 30.58 7.60 9.41
C ILE A 445 30.16 9.07 9.42
N ALA A 446 28.93 9.31 9.90
CA ALA A 446 28.30 10.64 9.91
C ALA A 446 29.00 11.63 10.84
N GLU A 447 29.28 12.84 10.32
CA GLU A 447 29.85 13.94 11.10
C GLU A 447 28.74 14.95 11.41
N PRO A 448 28.93 15.80 12.46
CA PRO A 448 27.94 16.85 12.68
C PRO A 448 27.73 17.67 11.41
N GLY A 449 26.47 17.92 11.07
CA GLY A 449 26.11 18.67 9.87
C GLY A 449 25.85 17.82 8.64
N ASP A 450 26.14 16.52 8.74
CA ASP A 450 25.83 15.54 7.69
C ASP A 450 24.35 15.15 7.64
N THR A 451 23.94 14.55 6.53
CA THR A 451 22.56 14.11 6.32
C THR A 451 22.56 12.58 6.14
N VAL A 452 21.82 11.87 7.00
CA VAL A 452 21.74 10.40 6.92
C VAL A 452 20.33 9.98 6.55
N VAL A 453 20.21 9.19 5.49
CA VAL A 453 18.92 8.71 5.00
C VAL A 453 18.93 7.19 5.08
N LEU A 454 17.88 6.65 5.69
CA LEU A 454 17.68 5.19 5.75
C LEU A 454 16.44 4.85 4.92
N ALA A 455 16.68 4.21 3.79
CA ALA A 455 15.65 3.98 2.77
C ALA A 455 15.30 2.51 2.61
N SER A 456 13.99 2.28 2.43
CA SER A 456 13.33 1.07 1.84
C SER A 456 12.37 0.37 2.84
N LYS A 457 12.49 0.71 4.14
CA LYS A 457 11.66 0.08 5.18
C LYS A 457 10.78 1.03 5.99
N GLY A 458 11.15 2.30 6.09
CA GLY A 458 10.44 3.23 7.00
C GLY A 458 10.47 2.68 8.42
N ARG A 459 9.28 2.57 9.04
CA ARG A 459 9.12 1.97 10.38
C ARG A 459 8.58 0.54 10.36
N GLU A 460 8.72 -0.11 9.21
CA GLU A 460 8.29 -1.49 9.02
C GLU A 460 9.03 -2.33 10.09
N PRO A 461 8.27 -3.03 10.94
CA PRO A 461 8.86 -3.56 12.17
C PRO A 461 9.50 -4.95 12.12
N TYR A 462 9.78 -5.45 10.92
CA TYR A 462 10.39 -6.79 10.82
C TYR A 462 11.31 -6.85 9.63
N GLN A 463 12.22 -7.82 9.67
CA GLN A 463 12.92 -8.35 8.50
C GLN A 463 12.37 -9.75 8.25
N ILE A 464 11.90 -10.00 7.03
CA ILE A 464 11.51 -11.36 6.65
C ILE A 464 12.80 -12.13 6.36
N MET A 465 12.97 -13.25 7.08
CA MET A 465 14.22 -14.03 7.08
C MET A 465 13.97 -15.44 6.50
N PRO A 466 15.00 -16.32 6.47
CA PRO A 466 14.78 -17.66 5.97
C PRO A 466 13.59 -18.39 6.60
N GLY A 467 12.87 -19.13 5.77
CA GLY A 467 11.63 -19.80 6.18
C GLY A 467 10.50 -18.81 6.19
N HIS A 468 10.75 -17.62 5.63
CA HIS A 468 9.82 -16.49 5.68
C HIS A 468 9.39 -16.12 7.10
N ILE A 469 10.34 -16.19 8.02
CA ILE A 469 10.14 -15.83 9.43
C ILE A 469 10.38 -14.34 9.65
N LYS A 470 9.44 -13.67 10.31
CA LYS A 470 9.59 -12.26 10.67
C LYS A 470 10.41 -12.14 11.96
N VAL A 471 11.51 -11.38 11.89
CA VAL A 471 12.33 -11.06 13.06
C VAL A 471 12.17 -9.56 13.29
N PRO A 472 12.01 -9.14 14.58
CA PRO A 472 11.88 -7.69 14.81
C PRO A 472 13.07 -6.88 14.30
N HIS A 473 12.75 -5.74 13.69
CA HIS A 473 13.70 -4.79 13.13
C HIS A 473 13.04 -3.42 12.93
N ARG A 474 13.62 -2.35 13.44
CA ARG A 474 13.10 -0.99 13.21
C ARG A 474 14.22 -0.02 12.82
N ASP A 475 14.24 0.37 11.54
CA ASP A 475 15.23 1.33 11.04
C ASP A 475 15.33 2.56 11.92
N ASP A 476 14.16 3.15 12.21
CA ASP A 476 14.04 4.36 12.99
C ASP A 476 14.59 4.18 14.39
N LEU A 477 14.23 3.08 15.06
CA LEU A 477 14.67 2.89 16.44
C LEU A 477 16.15 2.55 16.54
N ILE A 478 16.63 1.72 15.60
CA ILE A 478 18.05 1.38 15.54
C ILE A 478 18.86 2.62 15.20
N GLY A 479 18.37 3.40 14.24
CA GLY A 479 19.05 4.64 13.84
C GLY A 479 19.17 5.66 14.96
N LEU A 480 18.05 5.91 15.64
CA LEU A 480 18.02 6.82 16.78
C LEU A 480 18.91 6.38 17.92
N GLU A 481 18.88 5.08 18.24
CA GLU A 481 19.67 4.55 19.36
C GLU A 481 21.17 4.76 19.08
N ALA A 482 21.59 4.41 17.86
CA ALA A 482 22.96 4.63 17.42
C ALA A 482 23.30 6.13 17.39
N ALA A 483 22.37 6.97 16.94
CA ALA A 483 22.60 8.43 16.89
C ALA A 483 22.77 9.09 18.25
N TYR A 484 21.95 8.69 19.22
CA TYR A 484 22.04 9.23 20.57
C TYR A 484 23.34 8.79 21.25
N LYS A 485 23.79 7.58 20.94
CA LYS A 485 25.07 7.10 21.48
C LYS A 485 26.24 7.94 21.00
N LYS A 486 26.19 8.33 19.74
CA LYS A 486 27.29 9.06 19.10
C LYS A 486 27.26 10.56 19.44
N PHE A 487 26.07 11.17 19.34
CA PHE A 487 25.93 12.62 19.44
C PHE A 487 25.36 13.15 20.75
N GLY A 488 24.85 12.26 21.58
CA GLY A 488 24.20 12.67 22.82
C GLY A 488 22.75 13.08 22.56
N GLY A 489 22.08 13.57 23.61
CA GLY A 489 20.67 13.90 23.54
C GLY A 489 19.81 12.65 23.64
N GLY A 490 18.53 12.78 23.29
CA GLY A 490 17.60 11.66 23.45
C GLY A 490 17.02 11.56 24.85
N PRO A 491 15.85 10.89 24.99
CA PRO A 491 15.15 10.83 26.28
C PRO A 491 16.00 10.15 27.36
N VAL A 492 15.79 10.52 28.62
CA VAL A 492 16.48 9.88 29.77
C VAL A 492 16.27 8.36 29.71
N ASP A 493 17.08 7.59 30.43
CA ASP A 493 16.92 6.13 30.41
C ASP A 493 17.08 5.48 31.79
#